data_6M9Y
#
_entry.id   6M9Y
#
_cell.length_a   112.726
_cell.length_b   98.169
_cell.length_c   55.145
_cell.angle_alpha   90.000
_cell.angle_beta   108.070
_cell.angle_gamma   90.000
#
_symmetry.space_group_name_H-M   'C 1 2 1'
#
loop_
_entity.id
_entity.type
_entity.pdbx_description
1 polymer 'Fluorescent protein lanFP6A'
2 polymer 'Fluorescent protein lanFP6A'
3 water water
#
loop_
_entity_poly.entity_id
_entity_poly.type
_entity_poly.pdbx_seq_one_letter_code
_entity_poly.pdbx_strand_id
1 'polypeptide(L)' MPLPKTHELHIFGSFNGVKFDMVGEGTGNPNEGSEELKLKSTNGPLKFSPYILVPHLG A,C
2 'polypeptide(L)'
;YAFNQYLPFPDGMSPFQAAMQDESGYQVHRTLQYEDGAFVTANLRYTYEGSHIKGEFQVIGTGFPPDGPVMTNKLTALDW
SVVKFVYPNDKTILSTFDKTYTTTDGKRYQCTFRENNTFAKPMAADILQKQPMFIFHKTELQHSNNAELTFKEKQTAFSD
MKSGGSHHHHHH
;
B,D
#
# COMPACT_ATOMS: atom_id res chain seq x y z
N PRO A 2 19.93 -16.61 -16.68
CA PRO A 2 20.02 -17.82 -15.91
C PRO A 2 19.01 -17.84 -14.78
N LEU A 3 18.83 -19.01 -14.15
CA LEU A 3 18.07 -19.13 -12.91
C LEU A 3 18.91 -18.53 -11.81
N PRO A 4 18.30 -18.11 -10.70
CA PRO A 4 19.09 -17.47 -9.65
C PRO A 4 19.82 -18.45 -8.73
N LYS A 5 20.94 -17.96 -8.21
CA LYS A 5 21.71 -18.67 -7.23
C LYS A 5 21.92 -17.85 -5.96
N THR A 6 22.04 -16.54 -6.12
CA THR A 6 22.35 -15.64 -5.02
C THR A 6 21.43 -14.42 -5.12
N HIS A 7 21.30 -13.72 -4.00
CA HIS A 7 20.54 -12.50 -3.93
C HIS A 7 21.05 -11.59 -2.83
N GLU A 8 20.80 -10.30 -3.02
CA GLU A 8 20.95 -9.30 -1.99
C GLU A 8 19.63 -8.56 -1.84
N LEU A 9 19.43 -8.01 -0.64
CA LEU A 9 18.19 -7.29 -0.32
C LEU A 9 18.51 -6.01 0.44
N HIS A 10 17.81 -4.93 0.06
CA HIS A 10 17.66 -3.71 0.80
C HIS A 10 16.16 -3.60 1.10
N ILE A 11 15.80 -3.76 2.38
CA ILE A 11 14.38 -3.68 2.79
C ILE A 11 14.29 -2.49 3.75
N PHE A 12 13.30 -1.62 3.53
CA PHE A 12 13.22 -0.35 4.21
C PHE A 12 11.77 0.14 4.18
N GLY A 13 11.51 1.18 4.95
CA GLY A 13 10.19 1.79 5.04
C GLY A 13 10.01 2.33 6.44
N SER A 14 8.83 2.13 7.02
CA SER A 14 8.51 2.66 8.33
C SER A 14 7.39 1.84 8.92
N PHE A 15 7.39 1.80 10.25
CA PHE A 15 6.29 1.19 11.05
C PHE A 15 5.80 2.25 12.04
N ASN A 16 4.52 2.56 12.02
CA ASN A 16 3.97 3.53 12.91
C ASN A 16 4.76 4.85 12.80
N GLY A 17 5.12 5.23 11.57
CA GLY A 17 5.77 6.52 11.33
C GLY A 17 7.26 6.56 11.56
N VAL A 18 7.88 5.47 12.01
CA VAL A 18 9.28 5.45 12.38
C VAL A 18 10.03 4.60 11.35
N LYS A 19 11.06 5.20 10.73
CA LYS A 19 11.80 4.54 9.66
C LYS A 19 12.58 3.33 10.17
N PHE A 20 12.79 2.37 9.26
CA PHE A 20 13.73 1.27 9.43
C PHE A 20 14.43 1.00 8.11
N ASP A 21 15.58 0.32 8.19
CA ASP A 21 16.41 0.06 7.02
C ASP A 21 17.32 -1.12 7.35
N MET A 22 17.30 -2.16 6.50
CA MET A 22 18.14 -3.33 6.65
C MET A 22 18.72 -3.72 5.29
N VAL A 23 19.91 -4.35 5.33
CA VAL A 23 20.54 -4.91 4.16
C VAL A 23 21.08 -6.30 4.49
N GLY A 24 21.18 -7.13 3.46
CA GLY A 24 21.83 -8.42 3.62
C GLY A 24 21.78 -9.22 2.35
N GLU A 25 22.14 -10.50 2.47
CA GLU A 25 22.33 -11.33 1.27
C GLU A 25 21.98 -12.77 1.60
N GLY A 26 21.79 -13.54 0.53
CA GLY A 26 21.33 -14.89 0.67
C GLY A 26 21.54 -15.67 -0.59
N THR A 27 21.02 -16.88 -0.56
CA THR A 27 21.16 -17.86 -1.61
C THR A 27 19.86 -18.63 -1.71
N GLY A 28 19.74 -19.45 -2.75
CA GLY A 28 18.67 -20.38 -2.87
C GLY A 28 18.86 -21.38 -3.97
N ASN A 29 17.99 -22.38 -3.98
CA ASN A 29 18.00 -23.48 -4.95
C ASN A 29 16.74 -23.36 -5.79
N PRO A 30 16.85 -22.87 -7.04
CA PRO A 30 15.69 -22.57 -7.88
C PRO A 30 15.05 -23.84 -8.47
N ASN A 31 15.68 -25.00 -8.22
CA ASN A 31 15.07 -26.28 -8.59
C ASN A 31 14.27 -26.89 -7.42
N GLU A 32 14.40 -26.29 -6.22
N GLU A 32 14.38 -26.28 -6.22
CA GLU A 32 13.78 -26.85 -5.01
CA GLU A 32 13.75 -26.85 -5.03
C GLU A 32 12.89 -25.83 -4.27
C GLU A 32 12.88 -25.84 -4.28
N GLY A 33 12.93 -24.55 -4.63
CA GLY A 33 12.13 -23.55 -3.92
C GLY A 33 12.66 -23.26 -2.51
N SER A 34 13.94 -23.51 -2.26
CA SER A 34 14.52 -23.25 -0.94
C SER A 34 15.36 -21.98 -1.01
N GLU A 35 15.34 -21.22 0.08
CA GLU A 35 16.08 -19.94 0.15
C GLU A 35 16.55 -19.66 1.57
N GLU A 36 17.64 -18.91 1.69
CA GLU A 36 18.06 -18.44 2.96
C GLU A 36 18.57 -17.00 2.79
N LEU A 37 18.49 -16.23 3.89
CA LEU A 37 18.84 -14.81 3.90
C LEU A 37 19.36 -14.46 5.27
N LYS A 38 20.33 -13.55 5.31
CA LYS A 38 20.77 -12.89 6.51
C LYS A 38 20.60 -11.39 6.28
N LEU A 39 20.10 -10.70 7.31
CA LEU A 39 19.86 -9.26 7.26
C LEU A 39 20.37 -8.61 8.54
N LYS A 40 20.82 -7.37 8.41
CA LYS A 40 21.21 -6.54 9.53
C LYS A 40 20.59 -5.16 9.36
N SER A 41 20.15 -4.57 10.48
CA SER A 41 19.75 -3.15 10.50
C SER A 41 20.97 -2.30 10.15
N THR A 42 20.79 -1.24 9.36
CA THR A 42 21.84 -0.25 9.10
C THR A 42 21.72 0.93 10.10
N ASN A 43 20.81 0.82 11.07
CA ASN A 43 20.69 1.74 12.21
C ASN A 43 20.70 0.89 13.50
N GLY A 44 19.77 1.16 14.41
CA GLY A 44 19.69 0.41 15.59
C GLY A 44 18.75 -0.77 15.42
N PRO A 45 18.42 -1.42 16.53
CA PRO A 45 17.49 -2.53 16.53
C PRO A 45 16.13 -2.06 16.04
N LEU A 46 15.41 -2.99 15.40
CA LEU A 46 14.06 -2.73 15.02
C LEU A 46 13.21 -2.49 16.26
N LYS A 47 12.32 -1.51 16.17
CA LYS A 47 11.39 -1.17 17.24
C LYS A 47 10.11 -1.99 17.22
N PHE A 48 10.01 -2.97 16.33
CA PHE A 48 8.86 -3.80 16.14
C PHE A 48 9.32 -5.25 15.92
N SER A 49 8.38 -6.19 16.00
CA SER A 49 8.68 -7.60 15.84
C SER A 49 9.31 -7.87 14.48
N PRO A 50 10.50 -8.51 14.43
CA PRO A 50 11.06 -8.90 13.14
C PRO A 50 10.15 -9.87 12.36
N TYR A 51 9.30 -10.61 13.05
CA TYR A 51 8.38 -11.52 12.39
C TYR A 51 7.42 -10.78 11.43
N ILE A 52 7.17 -9.50 11.66
CA ILE A 52 6.26 -8.74 10.77
C ILE A 52 6.88 -8.61 9.36
N LEU A 53 8.22 -8.72 9.28
CA LEU A 53 8.92 -8.65 7.98
C LEU A 53 8.98 -9.97 7.24
N VAL A 54 8.81 -11.11 7.93
CA VAL A 54 9.04 -12.43 7.36
C VAL A 54 8.37 -12.63 6.01
N PRO A 55 7.09 -12.27 5.82
CA PRO A 55 6.49 -12.51 4.51
C PRO A 55 7.06 -11.71 3.35
N HIS A 56 7.88 -10.68 3.67
CA HIS A 56 8.52 -9.83 2.73
C HIS A 56 10.01 -10.20 2.60
N LEU A 57 10.43 -11.35 3.12
CA LEU A 57 11.79 -11.85 3.00
C LEU A 57 11.85 -13.05 2.04
N GLY A 58 13.03 -13.24 1.45
CA GLY A 58 13.21 -14.41 0.64
C GLY A 58 14.70 -14.68 0.46
N TYR B 1 7.10 -14.80 1.42
N TYR B 1 8.95 -15.70 0.48
CA TYR B 1 7.97 -15.06 0.24
CA TYR B 1 7.71 -15.31 -0.38
C TYR B 1 8.18 -13.70 -0.44
C TYR B 1 8.02 -14.14 -1.36
N ALA B 2 9.22 -13.60 -1.23
CA ALA B 2 9.57 -12.34 -1.80
C ALA B 2 10.61 -12.47 -2.92
N PHE B 3 11.18 -13.67 -3.12
CA PHE B 3 12.12 -13.93 -4.22
C PHE B 3 11.62 -15.20 -4.97
N ASN B 4 10.43 -15.08 -5.58
CA ASN B 4 9.82 -16.24 -6.23
C ASN B 4 10.54 -16.67 -7.53
N GLN B 5 11.64 -16.02 -7.88
CA GLN B 5 12.56 -16.51 -8.90
C GLN B 5 13.19 -17.86 -8.47
N TYR B 6 13.15 -18.17 -7.18
CA TYR B 6 13.67 -19.47 -6.67
C TYR B 6 12.59 -20.54 -6.67
N LEU B 7 11.34 -20.20 -7.00
CA LEU B 7 10.26 -21.17 -7.00
C LEU B 7 10.09 -21.81 -8.37
N PRO B 8 10.32 -23.12 -8.52
CA PRO B 8 9.91 -23.81 -9.75
C PRO B 8 8.41 -24.16 -9.69
N PHE B 9 7.81 -24.38 -10.86
CA PHE B 9 6.46 -24.89 -10.92
C PHE B 9 6.52 -26.41 -11.09
N PRO B 10 5.36 -27.10 -11.00
CA PRO B 10 5.35 -28.57 -11.02
C PRO B 10 5.95 -29.20 -12.30
N ASP B 11 5.80 -28.57 -13.46
CA ASP B 11 6.20 -29.19 -14.73
C ASP B 11 7.18 -28.32 -15.52
N GLY B 12 7.75 -27.31 -14.89
CA GLY B 12 8.58 -26.38 -15.62
C GLY B 12 8.84 -25.13 -14.79
N MET B 13 9.40 -24.11 -15.45
CA MET B 13 9.72 -22.84 -14.80
C MET B 13 8.43 -22.19 -14.31
N SER B 14 8.51 -21.54 -13.15
CA SER B 14 7.45 -20.65 -12.74
C SER B 14 7.46 -19.40 -13.62
N PRO B 15 6.36 -18.64 -13.66
CA PRO B 15 6.35 -17.41 -14.45
C PRO B 15 7.42 -16.42 -13.94
N PHE B 16 7.75 -16.48 -12.64
CA PHE B 16 8.76 -15.63 -12.04
C PHE B 16 10.14 -15.94 -12.66
N GLN B 17 10.41 -17.23 -12.78
CA GLN B 17 11.66 -17.74 -13.37
C GLN B 17 11.76 -17.38 -14.85
N ALA B 18 10.66 -17.54 -15.58
CA ALA B 18 10.67 -17.27 -17.01
C ALA B 18 10.95 -15.79 -17.27
N ALA B 19 10.38 -14.91 -16.44
CA ALA B 19 10.55 -13.48 -16.57
C ALA B 19 11.96 -13.02 -16.20
N MET B 20 12.64 -13.74 -15.31
CA MET B 20 14.05 -13.47 -15.06
C MET B 20 14.89 -13.96 -16.26
N GLN B 21 14.64 -15.19 -16.72
CA GLN B 21 15.42 -15.82 -17.76
C GLN B 21 15.38 -14.97 -19.03
N ASP B 22 14.21 -14.45 -19.39
CA ASP B 22 14.10 -13.69 -20.67
C ASP B 22 14.37 -12.19 -20.51
N GLU B 23 14.77 -11.79 -19.30
CA GLU B 23 15.16 -10.42 -18.98
C GLU B 23 13.99 -9.41 -19.11
N SER B 24 12.71 -9.87 -18.98
CA SER B 24 11.54 -8.96 -19.07
C SER B 24 11.05 -8.50 -17.68
N GLY B 25 11.10 -9.39 -16.69
CA GLY B 25 10.83 -8.98 -15.33
C GLY B 25 9.38 -8.85 -14.93
N TYR B 26 9.22 -8.60 -13.64
CA TYR B 26 7.92 -8.36 -13.00
C TYR B 26 8.15 -7.48 -11.76
N GLN B 27 7.05 -6.93 -11.28
CA GLN B 27 6.97 -6.07 -10.12
C GLN B 27 5.94 -6.65 -9.17
N VAL B 28 6.05 -6.35 -7.88
CA VAL B 28 5.17 -6.93 -6.86
C VAL B 28 4.57 -5.80 -6.02
N HIS B 29 3.25 -5.87 -5.77
CA HIS B 29 2.51 -4.88 -5.00
C HIS B 29 1.65 -5.64 -3.97
N ARG B 30 1.67 -5.22 -2.71
CA ARG B 30 0.92 -6.00 -1.70
C ARG B 30 0.18 -5.07 -0.74
N THR B 31 -0.91 -5.60 -0.21
CA THR B 31 -1.68 -4.96 0.89
C THR B 31 -2.07 -6.05 1.86
N LEU B 32 -1.81 -5.78 3.13
CA LEU B 32 -1.98 -6.73 4.24
C LEU B 32 -2.81 -6.07 5.33
N GLN B 33 -3.99 -6.62 5.64
CA GLN B 33 -4.88 -6.05 6.65
C GLN B 33 -4.87 -6.93 7.88
N TYR B 34 -4.37 -6.36 8.97
CA TYR B 34 -4.25 -7.07 10.27
C TYR B 34 -5.54 -6.98 11.08
N GLU B 35 -5.73 -7.96 11.95
CA GLU B 35 -6.99 -8.05 12.73
C GLU B 35 -7.27 -6.86 13.64
N ASP B 36 -6.22 -6.17 14.08
CA ASP B 36 -6.36 -5.05 15.01
C ASP B 36 -6.40 -3.71 14.28
N GLY B 37 -6.71 -3.75 12.97
CA GLY B 37 -6.93 -2.54 12.16
C GLY B 37 -5.70 -1.99 11.49
N ALA B 38 -4.51 -2.39 11.94
CA ALA B 38 -3.27 -2.01 11.29
C ALA B 38 -3.21 -2.58 9.88
N PHE B 39 -2.44 -1.91 9.02
CA PHE B 39 -2.22 -2.47 7.69
C PHE B 39 -0.77 -2.18 7.27
N VAL B 40 -0.31 -3.07 6.41
CA VAL B 40 0.99 -2.96 5.77
C VAL B 40 0.79 -2.94 4.25
N THR B 41 1.54 -2.09 3.59
CA THR B 41 1.61 -2.06 2.13
C THR B 41 3.06 -2.24 1.71
N ALA B 42 3.28 -2.88 0.54
CA ALA B 42 4.65 -3.10 0.08
C ALA B 42 4.75 -3.06 -1.42
N ASN B 43 5.94 -2.65 -1.87
CA ASN B 43 6.33 -2.68 -3.23
C ASN B 43 7.68 -3.35 -3.32
N LEU B 44 7.74 -4.44 -4.10
CA LEU B 44 9.01 -5.20 -4.27
C LEU B 44 9.44 -4.98 -5.72
N ARG B 45 10.72 -4.62 -5.84
CA ARG B 45 11.34 -4.33 -7.15
C ARG B 45 12.67 -5.08 -7.22
N TYR B 46 12.98 -5.53 -8.41
CA TYR B 46 14.20 -6.34 -8.62
C TYR B 46 15.03 -5.78 -9.77
N THR B 47 16.34 -5.92 -9.63
CA THR B 47 17.23 -5.87 -10.77
C THR B 47 18.07 -7.15 -10.74
N TYR B 48 18.77 -7.44 -11.84
CA TYR B 48 19.48 -8.69 -11.99
C TYR B 48 20.89 -8.49 -12.55
N GLU B 49 21.80 -9.34 -12.07
CA GLU B 49 23.12 -9.52 -12.67
C GLU B 49 23.32 -11.02 -12.87
N GLY B 50 22.88 -11.52 -14.02
CA GLY B 50 22.97 -12.93 -14.28
C GLY B 50 22.18 -13.75 -13.27
N SER B 51 22.87 -14.62 -12.54
CA SER B 51 22.23 -15.49 -11.55
C SER B 51 22.05 -14.79 -10.20
N HIS B 52 22.42 -13.52 -10.09
CA HIS B 52 22.31 -12.73 -8.87
C HIS B 52 21.13 -11.76 -8.96
N ILE B 53 20.30 -11.74 -7.92
CA ILE B 53 19.11 -10.85 -7.85
C ILE B 53 19.38 -9.76 -6.81
N LYS B 54 18.98 -8.53 -7.13
CA LYS B 54 19.04 -7.44 -6.22
C LYS B 54 17.60 -6.96 -5.96
N GLY B 55 17.16 -7.08 -4.69
CA GLY B 55 15.85 -6.63 -4.28
C GLY B 55 15.87 -5.27 -3.58
N GLU B 56 14.89 -4.43 -3.90
CA GLU B 56 14.64 -3.14 -3.23
C GLU B 56 13.18 -3.20 -2.80
N PHE B 57 12.95 -3.43 -1.52
CA PHE B 57 11.62 -3.66 -0.97
C PHE B 57 11.24 -2.54 0.00
N GLN B 58 10.17 -1.80 -0.32
CA GLN B 58 9.64 -0.75 0.52
C GLN B 58 8.40 -1.29 1.22
N VAL B 59 8.42 -1.34 2.55
CA VAL B 59 7.38 -1.91 3.39
C VAL B 59 6.97 -0.84 4.40
N ILE B 60 5.69 -0.46 4.35
CA ILE B 60 5.15 0.60 5.19
C ILE B 60 4.01 0.02 6.03
N GLY B 61 4.10 0.12 7.34
CA GLY B 61 3.02 -0.32 8.21
C GLY B 61 2.57 0.80 9.13
N THR B 62 1.24 0.89 9.38
CA THR B 62 0.67 1.86 10.25
C THR B 62 -0.50 1.26 11.06
N GLY B 63 -0.77 1.94 12.17
CA GLY B 63 -1.93 1.60 13.01
C GLY B 63 -1.71 0.45 13.93
N PHE B 64 -0.46 0.00 14.12
CA PHE B 64 -0.22 -1.08 15.06
C PHE B 64 -0.36 -0.56 16.48
N PRO B 65 -1.25 -1.17 17.32
CA PRO B 65 -1.40 -0.70 18.69
C PRO B 65 -0.03 -0.81 19.39
N PRO B 66 0.33 0.24 20.20
CA PRO B 66 1.57 0.20 20.97
C PRO B 66 1.64 -0.99 21.94
N ASP B 67 0.50 -1.50 22.39
CA ASP B 67 0.44 -2.62 23.32
C ASP B 67 0.11 -3.94 22.62
N GLY B 68 0.12 -3.95 21.28
CA GLY B 68 -0.19 -5.17 20.57
C GLY B 68 1.06 -6.02 20.31
N PRO B 69 0.88 -7.22 19.69
CA PRO B 69 1.96 -8.20 19.60
C PRO B 69 3.11 -7.80 18.66
N VAL B 70 2.83 -6.91 17.71
CA VAL B 70 3.85 -6.44 16.81
C VAL B 70 4.79 -5.47 17.52
N MET B 71 4.22 -4.45 18.14
CA MET B 71 5.08 -3.43 18.75
C MET B 71 5.71 -3.91 20.06
N THR B 72 5.15 -4.98 20.69
CA THR B 72 5.67 -5.52 21.95
C THR B 72 6.38 -6.88 21.77
N ASN B 73 6.70 -7.26 20.53
CA ASN B 73 7.57 -8.39 20.20
C ASN B 73 7.02 -9.71 20.80
N LYS B 74 5.71 -9.96 20.58
N LYS B 74 5.71 -9.96 20.58
CA LYS B 74 5.05 -11.16 21.11
CA LYS B 74 5.07 -11.17 21.11
C LYS B 74 4.78 -12.20 20.03
C LYS B 74 4.80 -12.21 20.02
N LEU B 75 5.09 -11.88 18.76
CA LEU B 75 4.98 -12.89 17.67
C LEU B 75 6.08 -13.93 17.87
N THR B 76 5.72 -15.23 17.76
CA THR B 76 6.71 -16.30 17.98
C THR B 76 7.06 -17.08 16.70
N ALA B 77 6.15 -17.11 15.70
CA ALA B 77 6.37 -17.89 14.47
C ALA B 77 5.29 -17.55 13.46
N LEU B 78 5.62 -17.71 12.17
CA LEU B 78 4.67 -17.60 11.10
C LEU B 78 4.14 -19.01 10.78
N ASP B 79 2.83 -19.21 10.90
CA ASP B 79 2.22 -20.46 10.54
C ASP B 79 2.57 -20.81 9.09
N TRP B 80 2.76 -22.10 8.82
CA TRP B 80 2.79 -22.63 7.47
C TRP B 80 1.54 -22.18 6.73
N SER B 81 1.65 -21.94 5.43
N SER B 81 1.69 -21.90 5.43
CA SER B 81 0.60 -21.34 4.69
CA SER B 81 0.69 -21.22 4.62
C SER B 81 0.45 -22.00 3.33
C SER B 81 0.47 -21.99 3.32
N VAL B 82 -0.76 -21.89 2.78
CA VAL B 82 -1.00 -22.20 1.41
C VAL B 82 -1.45 -20.91 0.72
N VAL B 83 -0.67 -20.49 -0.28
CA VAL B 83 -0.95 -19.31 -1.09
C VAL B 83 -1.70 -19.75 -2.34
N LYS B 84 -2.76 -19.01 -2.68
CA LYS B 84 -3.54 -19.24 -3.89
C LYS B 84 -3.17 -18.21 -4.96
N PHE B 85 -2.87 -18.71 -6.16
CA PHE B 85 -2.64 -17.90 -7.35
C PHE B 85 -3.78 -18.09 -8.36
N VAL B 86 -4.37 -17.00 -8.87
CA VAL B 86 -5.08 -17.04 -10.13
C VAL B 86 -4.51 -15.93 -11.02
N TYR B 87 -4.87 -16.00 -12.28
CA TYR B 87 -4.30 -15.13 -13.31
C TYR B 87 -5.46 -14.38 -14.00
N PRO B 88 -5.86 -13.20 -13.51
CA PRO B 88 -7.01 -12.49 -14.10
C PRO B 88 -6.74 -12.07 -15.54
N ASN B 89 -5.46 -11.91 -15.90
CA ASN B 89 -5.09 -11.65 -17.31
C ASN B 89 -3.67 -12.19 -17.47
N ASP B 90 -3.17 -12.18 -18.71
CA ASP B 90 -1.92 -12.83 -19.03
C ASP B 90 -0.70 -12.16 -18.44
N LYS B 91 -0.83 -10.98 -17.81
CA LYS B 91 0.33 -10.30 -17.28
C LYS B 91 0.23 -10.15 -15.76
N THR B 92 -0.80 -10.77 -15.13
CA THR B 92 -1.09 -10.47 -13.71
C THR B 92 -1.42 -11.71 -12.89
N ILE B 93 -0.65 -11.93 -11.80
CA ILE B 93 -1.00 -12.91 -10.82
C ILE B 93 -1.64 -12.22 -9.62
N LEU B 94 -2.83 -12.68 -9.21
CA LEU B 94 -3.44 -12.29 -7.94
C LEU B 94 -3.21 -13.42 -6.95
N SER B 95 -2.45 -13.11 -5.90
N SER B 95 -2.42 -13.13 -5.91
CA SER B 95 -2.02 -14.01 -4.86
CA SER B 95 -2.11 -14.07 -4.85
C SER B 95 -2.76 -13.67 -3.56
C SER B 95 -2.81 -13.67 -3.57
N THR B 96 -3.41 -14.67 -2.94
CA THR B 96 -4.10 -14.44 -1.68
C THR B 96 -3.77 -15.52 -0.66
N PHE B 97 -3.77 -15.13 0.62
CA PHE B 97 -3.87 -16.12 1.69
C PHE B 97 -4.28 -15.41 2.99
N ASP B 98 -4.73 -16.25 3.92
CA ASP B 98 -4.94 -15.86 5.31
C ASP B 98 -3.64 -16.16 6.06
N LYS B 99 -3.03 -15.10 6.61
CA LYS B 99 -1.72 -15.20 7.21
C LYS B 99 -1.89 -15.14 8.74
N THR B 100 -1.32 -16.13 9.47
CA THR B 100 -1.42 -16.16 10.92
C THR B 100 -0.03 -16.44 11.54
N TYR B 101 0.21 -15.71 12.64
CA TYR B 101 1.33 -15.94 13.51
C TYR B 101 0.84 -16.56 14.81
N THR B 102 1.70 -17.35 15.43
CA THR B 102 1.53 -17.70 16.84
C THR B 102 2.13 -16.58 17.70
N THR B 103 1.60 -16.44 18.93
CA THR B 103 2.07 -15.43 19.84
C THR B 103 2.39 -16.06 21.20
N THR B 104 3.07 -15.26 22.02
CA THR B 104 3.50 -15.74 23.31
C THR B 104 2.33 -16.06 24.22
N ASP B 105 1.14 -15.48 24.02
CA ASP B 105 0.05 -15.80 24.96
C ASP B 105 -0.87 -16.86 24.38
N GLY B 106 -0.47 -17.50 23.27
CA GLY B 106 -1.25 -18.59 22.77
C GLY B 106 -2.31 -18.20 21.74
N LYS B 107 -2.62 -16.92 21.56
CA LYS B 107 -3.58 -16.51 20.51
C LYS B 107 -2.80 -16.46 19.19
N ARG B 108 -3.50 -16.65 18.08
CA ARG B 108 -2.96 -16.34 16.78
C ARG B 108 -3.26 -14.88 16.45
N TYR B 109 -2.38 -14.29 15.63
CA TYR B 109 -2.49 -12.95 15.12
C TYR B 109 -2.68 -13.04 13.62
N GLN B 110 -3.83 -12.55 13.16
CA GLN B 110 -4.33 -12.78 11.82
C GLN B 110 -4.19 -11.55 10.92
N CYS B 111 -4.10 -11.89 9.63
CA CYS B 111 -3.95 -10.91 8.55
C CYS B 111 -4.55 -11.46 7.25
N THR B 112 -5.20 -10.59 6.47
CA THR B 112 -5.63 -10.97 5.15
C THR B 112 -4.65 -10.36 4.13
N PHE B 113 -3.94 -11.23 3.38
CA PHE B 113 -2.89 -10.84 2.47
C PHE B 113 -3.37 -10.84 1.03
N ARG B 114 -3.07 -9.77 0.32
CA ARG B 114 -3.35 -9.72 -1.11
C ARG B 114 -2.11 -9.17 -1.85
N GLU B 115 -1.85 -9.74 -3.02
CA GLU B 115 -0.66 -9.42 -3.81
C GLU B 115 -1.00 -9.46 -5.27
N ASN B 116 -0.47 -8.47 -6.00
CA ASN B 116 -0.40 -8.56 -7.46
C ASN B 116 1.06 -8.64 -7.91
N ASN B 117 1.32 -9.58 -8.80
CA ASN B 117 2.58 -9.67 -9.55
C ASN B 117 2.29 -9.25 -10.97
N THR B 118 2.94 -8.19 -11.43
CA THR B 118 2.62 -7.58 -12.75
C THR B 118 3.87 -7.77 -13.64
N PHE B 119 3.66 -8.49 -14.75
CA PHE B 119 4.70 -8.92 -15.64
C PHE B 119 4.76 -7.97 -16.87
N ALA B 120 5.97 -7.70 -17.35
CA ALA B 120 6.15 -6.86 -18.54
C ALA B 120 5.70 -7.57 -19.82
N LYS B 121 5.86 -8.88 -19.86
CA LYS B 121 5.48 -9.68 -20.97
C LYS B 121 4.50 -10.75 -20.53
N PRO B 122 3.60 -11.20 -21.42
CA PRO B 122 2.63 -12.23 -21.04
C PRO B 122 3.30 -13.48 -20.48
N MET B 123 2.65 -14.10 -19.52
CA MET B 123 3.04 -15.43 -19.04
C MET B 123 2.73 -16.46 -20.14
N ALA B 124 3.47 -17.56 -20.14
CA ALA B 124 3.35 -18.62 -21.12
C ALA B 124 1.96 -19.29 -21.00
N ALA B 125 1.50 -19.82 -22.14
CA ALA B 125 0.21 -20.47 -22.24
C ALA B 125 0.11 -21.61 -21.22
N ASP B 126 1.21 -22.36 -21.04
CA ASP B 126 1.19 -23.52 -20.16
C ASP B 126 0.98 -23.12 -18.69
N ILE B 127 1.40 -21.90 -18.31
CA ILE B 127 1.14 -21.38 -16.98
C ILE B 127 -0.36 -21.05 -16.89
N LEU B 128 -0.85 -20.32 -17.87
CA LEU B 128 -2.21 -19.79 -17.81
C LEU B 128 -3.27 -20.90 -17.76
N GLN B 129 -2.94 -22.07 -18.33
CA GLN B 129 -3.84 -23.19 -18.47
C GLN B 129 -4.12 -23.91 -17.13
N LYS B 130 -3.29 -23.69 -16.10
CA LYS B 130 -3.45 -24.40 -14.86
C LYS B 130 -3.73 -23.40 -13.73
N GLN B 131 -5.03 -23.28 -13.40
CA GLN B 131 -5.49 -22.43 -12.36
C GLN B 131 -6.58 -23.10 -11.55
N PRO B 132 -6.68 -22.77 -10.26
CA PRO B 132 -5.66 -22.11 -9.44
C PRO B 132 -4.34 -22.90 -9.32
N MET B 133 -3.27 -22.19 -8.96
CA MET B 133 -2.03 -22.82 -8.53
C MET B 133 -1.87 -22.50 -7.04
N PHE B 134 -1.50 -23.50 -6.24
CA PHE B 134 -1.31 -23.30 -4.85
C PHE B 134 0.16 -23.46 -4.49
N ILE B 135 0.59 -22.75 -3.46
CA ILE B 135 2.01 -22.81 -3.00
C ILE B 135 2.03 -23.10 -1.50
N PHE B 136 2.69 -24.20 -1.10
CA PHE B 136 2.88 -24.44 0.31
C PHE B 136 4.15 -23.74 0.74
N HIS B 137 4.06 -22.97 1.82
N HIS B 137 4.04 -22.94 1.79
CA HIS B 137 5.10 -22.03 2.28
CA HIS B 137 5.16 -22.17 2.30
C HIS B 137 5.47 -22.35 3.74
C HIS B 137 5.46 -22.49 3.75
N LYS B 138 6.76 -22.73 3.99
CA LYS B 138 7.28 -22.91 5.32
C LYS B 138 8.41 -21.92 5.53
N THR B 139 8.44 -21.26 6.70
CA THR B 139 9.51 -20.33 7.03
C THR B 139 10.09 -20.60 8.41
N GLU B 140 11.30 -20.09 8.62
CA GLU B 140 11.93 -20.06 9.93
C GLU B 140 12.70 -18.76 10.06
N LEU B 141 12.68 -18.22 11.28
CA LEU B 141 13.40 -17.02 11.59
C LEU B 141 14.17 -17.25 12.87
N GLN B 142 15.46 -16.94 12.86
CA GLN B 142 16.20 -16.77 14.12
C GLN B 142 16.62 -15.30 14.21
N HIS B 143 16.70 -14.82 15.45
CA HIS B 143 17.25 -13.55 15.78
C HIS B 143 17.51 -13.56 17.29
N SER B 144 18.73 -13.18 17.67
CA SER B 144 19.14 -13.14 19.08
C SER B 144 18.77 -11.77 19.69
N ASN B 145 18.71 -10.79 18.77
CA ASN B 145 18.42 -9.41 19.03
C ASN B 145 17.51 -8.94 17.89
N ASN B 146 17.02 -7.71 17.97
CA ASN B 146 16.13 -7.11 16.95
C ASN B 146 16.98 -6.42 15.88
N ALA B 147 18.28 -6.74 15.79
CA ALA B 147 19.25 -6.05 14.97
C ALA B 147 19.66 -6.90 13.75
N GLU B 148 19.82 -8.23 13.95
CA GLU B 148 20.26 -9.19 12.91
C GLU B 148 19.33 -10.38 12.86
N LEU B 149 19.07 -10.86 11.64
CA LEU B 149 18.12 -11.91 11.42
C LEU B 149 18.70 -12.94 10.48
N THR B 150 18.27 -14.18 10.67
CA THR B 150 18.56 -15.29 9.82
C THR B 150 17.25 -15.94 9.43
N PHE B 151 16.97 -16.01 8.13
CA PHE B 151 15.69 -16.48 7.63
C PHE B 151 15.92 -17.67 6.71
N LYS B 152 15.01 -18.63 6.73
CA LYS B 152 15.01 -19.75 5.80
C LYS B 152 13.58 -19.99 5.32
N GLU B 153 13.48 -20.55 4.12
CA GLU B 153 12.16 -20.83 3.52
C GLU B 153 12.20 -22.02 2.59
N LYS B 154 11.09 -22.74 2.58
CA LYS B 154 10.87 -23.78 1.62
C LYS B 154 9.45 -23.62 1.07
N GLN B 155 9.34 -23.62 -0.26
N GLN B 155 9.31 -23.70 -0.25
CA GLN B 155 8.04 -23.54 -0.95
CA GLN B 155 8.00 -23.62 -0.85
C GLN B 155 7.89 -24.70 -1.95
C GLN B 155 7.87 -24.68 -1.93
N THR B 156 6.64 -25.15 -2.13
CA THR B 156 6.30 -26.18 -3.10
C THR B 156 5.01 -25.80 -3.82
N ALA B 157 5.07 -25.65 -5.14
CA ALA B 157 3.88 -25.40 -5.93
C ALA B 157 3.10 -26.69 -6.19
N PHE B 158 1.76 -26.60 -6.21
CA PHE B 158 0.93 -27.76 -6.51
C PHE B 158 -0.42 -27.27 -7.01
N SER B 159 -0.98 -27.99 -7.99
CA SER B 159 -2.33 -27.70 -8.44
C SER B 159 -3.32 -28.78 -8.05
N ASP B 160 -2.86 -29.89 -7.46
CA ASP B 160 -3.69 -31.05 -7.23
C ASP B 160 -3.07 -31.71 -6.01
N MET B 161 -3.88 -32.61 -5.50
CA MET B 161 -3.58 -33.46 -4.48
C MET B 161 -4.48 -34.67 -4.68
N LYS B 162 -3.98 -35.82 -4.25
CA LYS B 162 -4.74 -37.04 -4.30
C LYS B 162 -4.67 -37.77 -2.95
N SER B 163 -5.57 -38.77 -2.85
CA SER B 163 -5.68 -39.67 -1.69
C SER B 163 -6.84 -40.66 -1.94
N PRO C 2 1.93 29.01 10.41
CA PRO C 2 0.59 29.57 10.12
C PRO C 2 -0.31 28.51 9.48
N LEU C 3 -1.59 28.86 9.33
CA LEU C 3 -2.50 28.07 8.51
C LEU C 3 -2.07 28.19 7.06
N PRO C 4 -2.39 27.17 6.24
CA PRO C 4 -2.00 27.24 4.86
C PRO C 4 -2.87 28.15 4.00
N LYS C 5 -2.23 28.72 2.97
CA LYS C 5 -2.96 29.47 1.93
C LYS C 5 -2.78 28.80 0.54
N THR C 6 -1.63 28.18 0.30
CA THR C 6 -1.28 27.64 -1.02
C THR C 6 -0.54 26.33 -0.88
N HIS C 7 -0.51 25.58 -1.97
CA HIS C 7 0.17 24.31 -1.98
C HIS C 7 0.63 23.93 -3.38
N GLU C 8 1.66 23.11 -3.41
CA GLU C 8 2.11 22.45 -4.62
C GLU C 8 2.12 20.93 -4.37
N LEU C 9 1.92 20.21 -5.47
CA LEU C 9 1.85 18.76 -5.44
C LEU C 9 2.68 18.12 -6.54
N HIS C 10 3.45 17.11 -6.16
CA HIS C 10 4.03 16.14 -7.03
C HIS C 10 3.38 14.79 -6.69
N ILE C 11 2.63 14.24 -7.64
CA ILE C 11 1.95 12.97 -7.43
C ILE C 11 2.43 12.02 -8.52
N PHE C 12 2.85 10.81 -8.10
CA PHE C 12 3.52 9.93 -8.95
C PHE C 12 3.32 8.49 -8.48
N GLY C 13 3.78 7.53 -9.26
CA GLY C 13 3.64 6.16 -8.92
C GLY C 13 3.45 5.32 -10.17
N SER C 14 2.62 4.28 -10.10
CA SER C 14 2.34 3.46 -11.24
C SER C 14 0.91 2.91 -11.16
N PHE C 15 0.35 2.58 -12.31
CA PHE C 15 -0.92 1.82 -12.39
C PHE C 15 -0.65 0.63 -13.30
N ASN C 16 -0.95 -0.58 -12.83
CA ASN C 16 -0.76 -1.79 -13.58
C ASN C 16 0.69 -1.81 -14.13
N GLY C 17 1.65 -1.38 -13.29
CA GLY C 17 3.05 -1.49 -13.62
C GLY C 17 3.62 -0.37 -14.48
N VAL C 18 2.80 0.57 -14.90
CA VAL C 18 3.20 1.63 -15.81
C VAL C 18 3.26 2.94 -15.03
N LYS C 19 4.41 3.62 -15.06
CA LYS C 19 4.66 4.83 -14.29
C LYS C 19 3.77 5.98 -14.80
N PHE C 20 3.43 6.88 -13.87
CA PHE C 20 2.82 8.17 -14.16
C PHE C 20 3.46 9.20 -13.23
N ASP C 21 3.37 10.45 -13.61
CA ASP C 21 3.96 11.54 -12.87
C ASP C 21 3.21 12.82 -13.25
N MET C 22 2.76 13.59 -12.23
CA MET C 22 2.09 14.87 -12.44
C MET C 22 2.62 15.89 -11.42
N VAL C 23 2.61 17.16 -11.79
CA VAL C 23 2.96 18.26 -10.91
C VAL C 23 1.93 19.36 -11.06
N GLY C 24 1.74 20.14 -10.00
CA GLY C 24 0.83 21.26 -10.08
C GLY C 24 0.78 21.99 -8.75
N GLU C 25 -0.24 22.82 -8.60
CA GLU C 25 -0.34 23.73 -7.48
C GLU C 25 -1.79 24.17 -7.31
N GLY C 26 -2.08 24.66 -6.12
CA GLY C 26 -3.42 25.15 -5.85
C GLY C 26 -3.44 26.05 -4.63
N THR C 27 -4.66 26.28 -4.16
CA THR C 27 -4.93 27.17 -3.05
C THR C 27 -6.03 26.54 -2.21
N GLY C 28 -6.28 27.13 -1.03
CA GLY C 28 -7.39 26.77 -0.24
C GLY C 28 -7.68 27.73 0.86
N ASN C 29 -8.88 27.58 1.44
CA ASN C 29 -9.31 28.43 2.54
C ASN C 29 -9.37 27.56 3.79
N PRO C 30 -8.40 27.71 4.73
CA PRO C 30 -8.32 26.83 5.90
C PRO C 30 -9.39 27.11 6.96
N ASN C 31 -10.18 28.19 6.77
CA ASN C 31 -11.31 28.46 7.61
C ASN C 31 -12.61 27.86 7.06
N GLU C 32 -12.60 27.37 5.82
CA GLU C 32 -13.80 26.87 5.20
C GLU C 32 -13.65 25.44 4.64
N GLY C 33 -12.45 24.87 4.67
CA GLY C 33 -12.27 23.53 4.09
C GLY C 33 -12.39 23.41 2.59
N SER C 34 -12.19 24.52 1.86
CA SER C 34 -12.29 24.51 0.41
C SER C 34 -10.86 24.51 -0.16
N GLU C 35 -10.71 23.83 -1.29
CA GLU C 35 -9.41 23.72 -1.96
C GLU C 35 -9.60 23.63 -3.47
N GLU C 36 -8.58 24.08 -4.19
CA GLU C 36 -8.55 23.98 -5.63
C GLU C 36 -7.13 23.58 -6.04
N LEU C 37 -7.02 22.82 -7.14
CA LEU C 37 -5.73 22.30 -7.63
C LEU C 37 -5.77 22.20 -9.14
N LYS C 38 -4.65 22.55 -9.78
CA LYS C 38 -4.40 22.27 -11.19
C LYS C 38 -3.19 21.35 -11.26
N LEU C 39 -3.28 20.29 -12.07
CA LEU C 39 -2.20 19.34 -12.25
C LEU C 39 -1.96 19.15 -13.74
N LYS C 40 -0.73 18.87 -14.06
CA LYS C 40 -0.35 18.50 -15.42
C LYS C 40 0.63 17.32 -15.41
N SER C 41 0.39 16.34 -16.29
CA SER C 41 1.33 15.27 -16.50
C SER C 41 2.66 15.82 -16.95
N THR C 42 3.74 15.19 -16.49
CA THR C 42 5.14 15.48 -16.94
C THR C 42 5.62 14.48 -18.01
N ASN C 43 4.77 13.50 -18.32
CA ASN C 43 4.97 12.51 -19.40
C ASN C 43 3.84 12.89 -20.38
N GLY C 44 3.15 11.89 -20.86
CA GLY C 44 2.00 12.14 -21.78
C GLY C 44 0.68 12.00 -21.03
N PRO C 45 -0.44 11.79 -21.73
CA PRO C 45 -1.68 11.69 -20.96
C PRO C 45 -1.72 10.44 -20.09
N LEU C 46 -2.51 10.52 -19.03
CA LEU C 46 -2.66 9.41 -18.15
C LEU C 46 -3.28 8.23 -18.92
N LYS C 47 -2.76 7.04 -18.63
N LYS C 47 -2.77 7.03 -18.63
CA LYS C 47 -3.23 5.78 -19.26
CA LYS C 47 -3.23 5.79 -19.27
C LYS C 47 -4.44 5.15 -18.54
C LYS C 47 -4.43 5.16 -18.54
N PHE C 48 -4.96 5.84 -17.53
CA PHE C 48 -6.03 5.33 -16.71
C PHE C 48 -6.99 6.50 -16.46
N SER C 49 -8.14 6.22 -15.85
CA SER C 49 -9.11 7.28 -15.56
C SER C 49 -8.55 8.26 -14.53
N PRO C 50 -8.54 9.57 -14.81
CA PRO C 50 -8.05 10.52 -13.80
C PRO C 50 -8.90 10.47 -12.52
N TYR C 51 -10.18 10.05 -12.63
CA TYR C 51 -10.99 9.92 -11.43
C TYR C 51 -10.34 9.02 -10.38
N ILE C 52 -9.52 8.06 -10.77
CA ILE C 52 -8.88 7.17 -9.79
C ILE C 52 -7.90 7.97 -8.91
N LEU C 53 -7.41 9.13 -9.36
CA LEU C 53 -6.52 9.98 -8.53
C LEU C 53 -7.26 10.94 -7.62
N VAL C 54 -8.54 11.25 -7.91
CA VAL C 54 -9.27 12.27 -7.25
C VAL C 54 -9.21 12.15 -5.73
N PRO C 55 -9.38 10.95 -5.15
CA PRO C 55 -9.33 10.79 -3.71
C PRO C 55 -7.99 11.16 -3.07
N HIS C 56 -6.95 11.32 -3.88
CA HIS C 56 -5.57 11.59 -3.44
C HIS C 56 -5.15 13.00 -3.88
N LEU C 57 -6.14 13.81 -4.26
CA LEU C 57 -5.92 15.23 -4.62
C LEU C 57 -6.44 16.14 -3.51
N GLY C 58 -5.88 17.34 -3.44
CA GLY C 58 -6.39 18.33 -2.53
C GLY C 58 -5.83 19.70 -2.94
N TYR D 1 -9.50 13.52 -0.66
N TYR D 1 -9.06 15.65 -0.63
CA TYR D 1 -8.91 14.59 0.13
CA TYR D 1 -8.99 14.69 0.59
C TYR D 1 -7.44 14.21 0.33
C TYR D 1 -7.58 14.52 1.19
N ALA D 2 -6.62 15.22 0.59
CA ALA D 2 -5.22 14.93 0.67
C ALA D 2 -4.42 16.11 1.22
N PHE D 3 -5.08 17.21 1.47
CA PHE D 3 -4.41 18.36 2.13
C PHE D 3 -5.30 18.85 3.27
N ASN D 4 -5.38 18.02 4.30
CA ASN D 4 -6.33 18.28 5.41
C ASN D 4 -5.90 19.43 6.33
N GLN D 5 -4.73 20.00 6.04
CA GLN D 5 -4.27 21.25 6.71
C GLN D 5 -5.28 22.38 6.37
N TYR D 6 -6.08 22.22 5.34
CA TYR D 6 -7.13 23.20 4.98
C TYR D 6 -8.45 22.91 5.69
N LEU D 7 -8.55 21.81 6.40
CA LEU D 7 -9.79 21.42 7.08
C LEU D 7 -9.81 21.93 8.53
N PRO D 8 -10.74 22.88 8.86
CA PRO D 8 -10.97 23.23 10.24
C PRO D 8 -11.90 22.21 10.90
N PHE D 9 -11.86 22.15 12.23
CA PHE D 9 -12.79 21.36 12.97
C PHE D 9 -13.91 22.25 13.45
N PRO D 10 -15.00 21.67 14.00
CA PRO D 10 -16.15 22.49 14.33
C PRO D 10 -15.90 23.59 15.39
N ASP D 11 -14.94 23.36 16.27
CA ASP D 11 -14.73 24.26 17.38
C ASP D 11 -13.31 24.82 17.43
N GLY D 12 -12.54 24.62 16.34
CA GLY D 12 -11.19 25.08 16.34
C GLY D 12 -10.36 24.34 15.34
N MET D 13 -9.04 24.42 15.47
CA MET D 13 -8.18 23.85 14.43
C MET D 13 -8.37 22.32 14.41
N SER D 14 -8.25 21.71 13.23
CA SER D 14 -8.17 20.27 13.15
C SER D 14 -6.78 19.83 13.64
N PRO D 15 -6.59 18.53 13.95
CA PRO D 15 -5.26 18.06 14.31
C PRO D 15 -4.25 18.27 13.17
N PHE D 16 -4.73 18.18 11.93
CA PHE D 16 -3.89 18.41 10.78
C PHE D 16 -3.31 19.84 10.81
N GLN D 17 -4.18 20.80 11.07
CA GLN D 17 -3.81 22.22 11.20
C GLN D 17 -2.84 22.44 12.35
N ALA D 18 -3.11 21.82 13.50
CA ALA D 18 -2.21 22.05 14.68
C ALA D 18 -0.81 21.53 14.35
N ALA D 19 -0.75 20.40 13.64
CA ALA D 19 0.50 19.75 13.28
C ALA D 19 1.30 20.56 12.24
N MET D 20 0.61 21.33 11.40
CA MET D 20 1.32 22.27 10.52
C MET D 20 1.81 23.49 11.33
N GLN D 21 0.99 23.99 12.23
N GLN D 21 0.98 23.99 12.23
CA GLN D 21 1.30 25.22 12.96
CA GLN D 21 1.29 25.21 13.01
C GLN D 21 2.62 25.11 13.74
C GLN D 21 2.66 25.09 13.71
N ASP D 22 2.91 23.92 14.33
CA ASP D 22 4.18 23.71 15.05
C ASP D 22 5.23 23.00 14.18
N GLU D 23 4.89 22.78 12.91
CA GLU D 23 5.65 22.00 11.90
C GLU D 23 6.02 20.57 12.32
N SER D 24 5.43 20.03 13.40
CA SER D 24 5.70 18.65 13.81
C SER D 24 5.18 17.65 12.76
N GLY D 25 4.02 17.94 12.16
CA GLY D 25 3.55 17.27 11.01
C GLY D 25 2.92 15.91 11.26
N TYR D 26 2.50 15.33 10.15
CA TYR D 26 1.95 13.97 10.12
C TYR D 26 2.25 13.34 8.77
N GLN D 27 2.15 12.01 8.72
CA GLN D 27 2.32 11.18 7.51
C GLN D 27 1.00 10.47 7.22
N VAL D 28 0.68 10.23 5.97
CA VAL D 28 -0.54 9.55 5.58
C VAL D 28 -0.23 8.25 4.84
N HIS D 29 -0.94 7.17 5.19
CA HIS D 29 -0.78 5.88 4.60
C HIS D 29 -2.17 5.37 4.28
N ARG D 30 -2.35 4.81 3.11
CA ARG D 30 -3.71 4.39 2.68
C ARG D 30 -3.68 3.06 1.93
N THR D 31 -4.75 2.29 2.11
CA THR D 31 -5.02 1.12 1.33
C THR D 31 -6.48 1.16 0.86
N LEU D 32 -6.68 0.88 -0.43
CA LEU D 32 -7.99 1.05 -1.12
C LEU D 32 -8.26 -0.24 -1.89
N GLN D 33 -9.30 -0.95 -1.49
CA GLN D 33 -9.68 -2.22 -2.14
C GLN D 33 -10.86 -2.01 -3.06
N TYR D 34 -10.64 -2.21 -4.36
CA TYR D 34 -11.71 -2.06 -5.36
C TYR D 34 -12.52 -3.36 -5.54
N GLU D 35 -13.75 -3.18 -6.00
CA GLU D 35 -14.67 -4.32 -6.12
C GLU D 35 -14.22 -5.38 -7.09
N ASP D 36 -13.44 -5.01 -8.13
CA ASP D 36 -13.02 -5.97 -9.13
C ASP D 36 -11.62 -6.53 -8.83
N GLY D 37 -11.18 -6.42 -7.58
CA GLY D 37 -9.96 -7.07 -7.10
C GLY D 37 -8.74 -6.19 -7.06
N ALA D 38 -8.72 -5.14 -7.91
CA ALA D 38 -7.66 -4.16 -7.96
C ALA D 38 -7.50 -3.49 -6.59
N PHE D 39 -6.29 -3.04 -6.30
CA PHE D 39 -6.09 -2.24 -5.13
C PHE D 39 -5.08 -1.14 -5.38
N VAL D 40 -5.21 -0.09 -4.58
CA VAL D 40 -4.35 1.08 -4.57
C VAL D 40 -3.79 1.27 -3.18
N THR D 41 -2.48 1.57 -3.09
CA THR D 41 -1.87 1.94 -1.84
C THR D 41 -1.24 3.30 -2.03
N ALA D 42 -1.13 4.10 -0.98
CA ALA D 42 -0.57 5.47 -1.13
C ALA D 42 0.16 5.89 0.15
N ASN D 43 1.18 6.72 -0.04
CA ASN D 43 1.90 7.36 1.00
C ASN D 43 1.97 8.85 0.64
N LEU D 44 1.47 9.70 1.52
CA LEU D 44 1.47 11.13 1.32
C LEU D 44 2.38 11.77 2.36
N ARG D 45 3.26 12.66 1.88
CA ARG D 45 4.20 13.33 2.75
C ARG D 45 4.18 14.83 2.41
N TYR D 46 4.49 15.66 3.42
CA TYR D 46 4.42 17.10 3.30
C TYR D 46 5.64 17.76 3.91
N THR D 47 5.98 18.89 3.31
CA THR D 47 6.87 19.89 3.94
C THR D 47 6.20 21.25 3.91
N TYR D 48 6.64 22.13 4.83
CA TYR D 48 6.00 23.43 5.08
C TYR D 48 6.98 24.58 4.94
N GLU D 49 6.51 25.62 4.26
CA GLU D 49 7.27 26.88 4.03
C GLU D 49 6.30 28.03 4.25
N GLY D 50 6.27 28.56 5.48
CA GLY D 50 5.35 29.61 5.75
C GLY D 50 3.92 29.11 5.56
N SER D 51 3.13 29.83 4.75
CA SER D 51 1.74 29.44 4.47
C SER D 51 1.61 28.45 3.28
N HIS D 52 2.73 27.92 2.79
CA HIS D 52 2.80 27.12 1.57
C HIS D 52 3.16 25.68 1.95
N ILE D 53 2.40 24.73 1.41
CA ILE D 53 2.61 23.29 1.66
C ILE D 53 3.18 22.68 0.39
N LYS D 54 4.18 21.81 0.51
CA LYS D 54 4.59 20.99 -0.57
C LYS D 54 4.24 19.51 -0.30
N GLY D 55 3.49 18.92 -1.21
CA GLY D 55 3.11 17.51 -1.11
C GLY D 55 3.90 16.61 -2.10
N GLU D 56 4.32 15.44 -1.61
CA GLU D 56 4.97 14.38 -2.38
C GLU D 56 4.16 13.11 -2.12
N PHE D 57 3.35 12.75 -3.11
CA PHE D 57 2.37 11.67 -2.95
C PHE D 57 2.72 10.52 -3.89
N GLN D 58 2.97 9.33 -3.33
CA GLN D 58 3.25 8.13 -4.10
C GLN D 58 2.00 7.26 -4.08
N VAL D 59 1.40 7.03 -5.25
CA VAL D 59 0.18 6.26 -5.39
C VAL D 59 0.42 5.10 -6.35
N ILE D 60 0.21 3.87 -5.88
N ILE D 60 0.19 3.88 -5.89
CA ILE D 60 0.48 2.66 -6.65
CA ILE D 60 0.46 2.69 -6.68
C ILE D 60 -0.82 1.87 -6.77
C ILE D 60 -0.81 1.86 -6.78
N GLY D 61 -1.25 1.58 -8.00
CA GLY D 61 -2.31 0.66 -8.20
C GLY D 61 -2.03 -0.53 -9.07
N THR D 62 -2.65 -1.67 -8.78
CA THR D 62 -2.46 -2.87 -9.56
C THR D 62 -3.73 -3.68 -9.66
N GLY D 63 -3.77 -4.55 -10.68
CA GLY D 63 -4.87 -5.50 -10.84
C GLY D 63 -6.11 -4.89 -11.46
N PHE D 64 -6.02 -3.69 -12.07
CA PHE D 64 -7.20 -3.09 -12.75
C PHE D 64 -7.40 -3.82 -14.06
N PRO D 65 -8.55 -4.48 -14.25
CA PRO D 65 -8.77 -5.18 -15.53
C PRO D 65 -8.63 -4.23 -16.71
N PRO D 66 -7.94 -4.68 -17.78
CA PRO D 66 -7.81 -3.83 -18.98
C PRO D 66 -9.13 -3.37 -19.60
N ASP D 67 -10.18 -4.19 -19.39
CA ASP D 67 -11.51 -3.81 -19.89
C ASP D 67 -12.40 -3.30 -18.79
N GLY D 68 -11.83 -3.02 -17.62
CA GLY D 68 -12.64 -2.51 -16.51
C GLY D 68 -12.88 -1.00 -16.57
N PRO D 69 -13.64 -0.45 -15.59
CA PRO D 69 -14.04 0.94 -15.67
C PRO D 69 -12.90 1.95 -15.51
N VAL D 70 -11.81 1.57 -14.80
CA VAL D 70 -10.71 2.50 -14.65
C VAL D 70 -9.90 2.60 -15.96
N MET D 71 -9.68 1.47 -16.65
CA MET D 71 -8.84 1.47 -17.85
C MET D 71 -9.62 1.80 -19.11
N THR D 72 -10.96 1.84 -19.06
CA THR D 72 -11.76 2.22 -20.20
C THR D 72 -12.58 3.50 -19.96
N ASN D 73 -12.12 4.40 -19.05
CA ASN D 73 -12.65 5.75 -18.89
C ASN D 73 -14.15 5.68 -18.65
N LYS D 74 -14.65 4.78 -17.78
N LYS D 74 -14.64 4.77 -17.79
CA LYS D 74 -16.10 4.75 -17.52
CA LYS D 74 -16.10 4.73 -17.52
C LYS D 74 -16.48 5.61 -16.31
C LYS D 74 -16.48 5.60 -16.30
N LEU D 75 -15.51 5.95 -15.44
CA LEU D 75 -15.83 6.74 -14.23
C LEU D 75 -16.29 8.15 -14.63
N THR D 76 -17.39 8.63 -14.06
CA THR D 76 -17.98 9.92 -14.42
C THR D 76 -17.97 10.93 -13.28
N ALA D 77 -17.89 10.48 -12.02
CA ALA D 77 -17.83 11.41 -10.90
C ALA D 77 -17.55 10.57 -9.64
N LEU D 78 -16.93 11.22 -8.65
CA LEU D 78 -16.84 10.63 -7.32
C LEU D 78 -18.08 11.05 -6.52
N ASP D 79 -18.77 10.07 -5.96
CA ASP D 79 -19.94 10.38 -5.13
C ASP D 79 -19.49 11.19 -3.92
N TRP D 80 -20.35 12.10 -3.52
CA TRP D 80 -20.20 12.76 -2.22
C TRP D 80 -20.03 11.68 -1.13
N SER D 81 -19.22 11.98 -0.12
N SER D 81 -19.20 11.98 -0.13
CA SER D 81 -18.89 10.97 0.86
CA SER D 81 -18.76 11.00 0.85
C SER D 81 -18.94 11.56 2.27
C SER D 81 -18.94 11.56 2.26
N VAL D 82 -19.08 10.64 3.23
CA VAL D 82 -18.86 10.94 4.60
C VAL D 82 -17.71 10.08 5.11
N VAL D 83 -16.65 10.72 5.54
CA VAL D 83 -15.47 10.02 6.07
C VAL D 83 -15.60 9.94 7.59
N LYS D 84 -15.28 8.77 8.13
CA LYS D 84 -15.31 8.60 9.58
C LYS D 84 -13.87 8.55 10.12
N PHE D 85 -13.63 9.39 11.14
CA PHE D 85 -12.37 9.36 11.94
C PHE D 85 -12.63 8.81 13.34
N VAL D 86 -11.73 7.95 13.77
CA VAL D 86 -11.56 7.65 15.18
C VAL D 86 -10.07 7.68 15.45
N TYR D 87 -9.74 7.74 16.74
CA TYR D 87 -8.36 7.94 17.19
C TYR D 87 -7.95 6.79 18.10
N PRO D 88 -7.35 5.74 17.55
CA PRO D 88 -7.01 4.57 18.38
C PRO D 88 -5.99 4.94 19.46
N ASN D 89 -5.15 5.96 19.22
CA ASN D 89 -4.21 6.47 20.24
C ASN D 89 -3.93 7.94 19.90
N ASP D 90 -3.20 8.66 20.76
CA ASP D 90 -3.12 10.08 20.65
C ASP D 90 -2.28 10.56 19.45
N LYS D 91 -1.64 9.64 18.72
CA LYS D 91 -0.83 10.00 17.56
C LYS D 91 -1.39 9.39 16.28
N THR D 92 -2.60 8.85 16.28
CA THR D 92 -3.08 8.12 15.13
C THR D 92 -4.56 8.39 14.85
N ILE D 93 -4.87 8.75 13.61
CA ILE D 93 -6.23 8.82 13.13
C ILE D 93 -6.42 7.62 12.19
N LEU D 94 -7.48 6.86 12.42
CA LEU D 94 -7.95 5.84 11.45
C LEU D 94 -9.19 6.39 10.74
N SER D 95 -9.08 6.54 9.42
N SER D 95 -9.09 6.60 9.42
CA SER D 95 -10.08 7.13 8.59
CA SER D 95 -10.17 7.12 8.60
C SER D 95 -10.64 6.04 7.67
C SER D 95 -10.66 6.01 7.70
N THR D 96 -11.98 5.94 7.61
CA THR D 96 -12.60 4.95 6.77
C THR D 96 -13.77 5.56 5.99
N PHE D 97 -14.03 5.01 4.79
CA PHE D 97 -15.31 5.24 4.13
C PHE D 97 -15.44 4.22 2.99
N ASP D 98 -16.70 4.09 2.54
CA ASP D 98 -17.02 3.33 1.37
C ASP D 98 -17.03 4.39 0.25
N LYS D 99 -16.15 4.20 -0.74
CA LYS D 99 -15.95 5.17 -1.79
C LYS D 99 -16.59 4.64 -3.09
N THR D 100 -17.48 5.45 -3.69
CA THR D 100 -18.14 5.01 -4.95
C THR D 100 -18.02 6.11 -6.00
N TYR D 101 -17.88 5.65 -7.25
CA TYR D 101 -17.97 6.51 -8.41
C TYR D 101 -19.21 6.12 -9.20
N THR D 102 -19.84 7.10 -9.82
CA THR D 102 -20.78 6.81 -10.92
C THR D 102 -19.99 6.43 -12.20
N THR D 103 -20.62 5.61 -13.04
CA THR D 103 -20.02 5.22 -14.30
C THR D 103 -21.02 5.30 -15.46
N THR D 104 -20.45 5.28 -16.65
CA THR D 104 -21.17 5.31 -17.90
C THR D 104 -21.98 4.02 -18.10
N ASP D 105 -21.72 2.97 -17.33
CA ASP D 105 -22.52 1.73 -17.43
C ASP D 105 -23.81 1.82 -16.62
N GLY D 106 -24.04 2.94 -15.93
CA GLY D 106 -25.24 3.09 -15.10
C GLY D 106 -25.14 2.29 -13.81
N LYS D 107 -23.92 1.98 -13.39
CA LYS D 107 -23.62 1.27 -12.16
C LYS D 107 -22.66 2.18 -11.38
N ARG D 108 -22.42 1.80 -10.15
CA ARG D 108 -21.40 2.49 -9.35
C ARG D 108 -20.18 1.56 -9.29
N TYR D 109 -19.02 2.13 -9.12
CA TYR D 109 -17.79 1.41 -8.97
C TYR D 109 -17.26 1.66 -7.57
N GLN D 110 -17.18 0.58 -6.81
CA GLN D 110 -17.05 0.62 -5.35
C GLN D 110 -15.63 0.29 -4.88
N CYS D 111 -15.31 0.89 -3.70
CA CYS D 111 -13.99 0.72 -3.05
C CYS D 111 -14.15 0.85 -1.51
N THR D 112 -13.37 0.02 -0.80
CA THR D 112 -13.28 0.18 0.62
C THR D 112 -11.97 0.92 0.93
N PHE D 113 -12.08 2.13 1.50
CA PHE D 113 -10.98 3.01 1.73
C PHE D 113 -10.57 2.98 3.21
N ARG D 114 -9.26 2.77 3.46
CA ARG D 114 -8.71 2.85 4.83
C ARG D 114 -7.48 3.75 4.82
N GLU D 115 -7.36 4.57 5.85
CA GLU D 115 -6.23 5.52 5.98
C GLU D 115 -5.78 5.69 7.43
N ASN D 116 -4.47 5.68 7.63
CA ASN D 116 -3.94 6.16 8.89
C ASN D 116 -3.20 7.49 8.68
N ASN D 117 -3.41 8.41 9.59
CA ASN D 117 -2.68 9.65 9.74
C ASN D 117 -1.85 9.52 11.01
N THR D 118 -0.53 9.53 10.87
CA THR D 118 0.35 9.28 11.99
C THR D 118 1.10 10.56 12.33
N PHE D 119 0.88 11.07 13.54
CA PHE D 119 1.36 12.35 13.99
C PHE D 119 2.68 12.20 14.74
N ALA D 120 3.62 13.14 14.54
CA ALA D 120 4.90 13.15 15.28
C ALA D 120 4.69 13.46 16.77
N LYS D 121 3.72 14.30 17.07
CA LYS D 121 3.41 14.73 18.45
C LYS D 121 1.95 14.42 18.72
N PRO D 122 1.59 14.18 20.00
CA PRO D 122 0.19 13.86 20.32
C PRO D 122 -0.78 14.95 19.89
N MET D 123 -1.96 14.52 19.44
CA MET D 123 -3.04 15.43 19.19
C MET D 123 -3.55 15.96 20.52
N ALA D 124 -4.17 17.16 20.51
CA ALA D 124 -4.62 17.85 21.73
C ALA D 124 -5.79 17.06 22.35
N ALA D 125 -5.90 17.17 23.67
CA ALA D 125 -6.87 16.39 24.42
C ALA D 125 -8.29 16.77 24.00
N ASP D 126 -8.50 18.03 23.63
CA ASP D 126 -9.84 18.44 23.22
C ASP D 126 -10.23 17.74 21.91
N ILE D 127 -9.28 17.46 21.00
CA ILE D 127 -9.55 16.68 19.76
C ILE D 127 -9.99 15.27 20.15
N LEU D 128 -9.19 14.64 21.02
CA LEU D 128 -9.39 13.29 21.37
C LEU D 128 -10.74 13.07 22.05
N GLN D 129 -11.32 14.08 22.72
CA GLN D 129 -12.62 13.93 23.44
C GLN D 129 -13.84 13.78 22.52
N LYS D 130 -13.73 14.09 21.22
CA LYS D 130 -14.91 14.11 20.34
C LYS D 130 -14.71 13.07 19.24
N GLN D 131 -15.27 11.87 19.46
CA GLN D 131 -15.15 10.78 18.55
C GLN D 131 -16.47 10.06 18.45
N PRO D 132 -16.80 9.52 17.29
CA PRO D 132 -16.15 9.73 16.02
C PRO D 132 -16.31 11.18 15.56
N MET D 133 -15.45 11.57 14.60
CA MET D 133 -15.63 12.83 13.87
C MET D 133 -15.88 12.43 12.41
N PHE D 134 -16.86 13.09 11.80
CA PHE D 134 -17.24 12.79 10.44
C PHE D 134 -16.92 13.98 9.55
N ILE D 135 -16.64 13.71 8.27
CA ILE D 135 -16.26 14.78 7.30
C ILE D 135 -17.07 14.60 6.03
N PHE D 136 -17.94 15.58 5.72
CA PHE D 136 -18.67 15.56 4.46
C PHE D 136 -17.73 16.07 3.40
N HIS D 137 -17.57 15.33 2.28
N HIS D 137 -17.57 15.30 2.30
CA HIS D 137 -16.57 15.63 1.25
CA HIS D 137 -16.66 15.64 1.23
C HIS D 137 -17.26 15.66 -0.12
C HIS D 137 -17.38 15.72 -0.11
N LYS D 138 -17.10 16.80 -0.83
CA LYS D 138 -17.57 16.99 -2.18
C LYS D 138 -16.39 17.33 -3.09
N THR D 139 -16.38 16.76 -4.29
CA THR D 139 -15.34 17.04 -5.23
C THR D 139 -15.91 17.31 -6.62
N GLU D 140 -15.11 17.99 -7.43
CA GLU D 140 -15.36 18.22 -8.82
C GLU D 140 -14.05 18.08 -9.57
N LEU D 141 -14.11 17.43 -10.71
CA LEU D 141 -12.98 17.30 -11.64
C LEU D 141 -13.37 17.80 -13.02
N GLN D 142 -12.54 18.68 -13.57
CA GLN D 142 -12.66 19.09 -14.96
C GLN D 142 -11.46 18.55 -15.73
N HIS D 143 -11.74 17.94 -16.89
CA HIS D 143 -10.69 17.21 -17.65
C HIS D 143 -11.03 17.00 -19.11
N SER D 144 -10.83 18.05 -19.90
N SER D 144 -10.84 18.04 -19.91
CA SER D 144 -10.99 17.90 -21.36
CA SER D 144 -11.04 17.87 -21.34
C SER D 144 -9.97 16.93 -21.94
C SER D 144 -9.98 16.94 -21.96
N ASN D 145 -8.83 16.86 -21.27
CA ASN D 145 -7.79 15.91 -21.65
C ASN D 145 -7.27 15.29 -20.34
N ASN D 146 -6.74 14.11 -20.48
CA ASN D 146 -6.19 13.33 -19.37
C ASN D 146 -4.80 13.76 -18.93
N ALA D 147 -4.28 14.81 -19.52
CA ALA D 147 -2.96 15.22 -19.09
C ALA D 147 -3.05 16.45 -18.19
N GLU D 148 -4.23 17.12 -18.16
CA GLU D 148 -4.38 18.47 -17.57
C GLU D 148 -5.69 18.46 -16.77
N LEU D 149 -5.59 18.46 -15.46
CA LEU D 149 -6.76 18.35 -14.61
C LEU D 149 -6.92 19.62 -13.77
N THR D 150 -8.17 19.94 -13.47
CA THR D 150 -8.57 20.92 -12.52
C THR D 150 -9.49 20.25 -11.50
N PHE D 151 -9.18 20.42 -10.23
CA PHE D 151 -9.88 19.75 -9.13
C PHE D 151 -10.36 20.81 -8.14
N LYS D 152 -11.56 20.61 -7.60
CA LYS D 152 -12.06 21.44 -6.48
C LYS D 152 -12.72 20.55 -5.46
N GLU D 153 -12.65 21.01 -4.22
CA GLU D 153 -13.17 20.26 -3.08
C GLU D 153 -13.78 21.20 -2.07
N LYS D 154 -14.77 20.67 -1.34
CA LYS D 154 -15.29 21.28 -0.15
C LYS D 154 -15.52 20.19 0.89
N GLN D 155 -15.03 20.46 2.09
CA GLN D 155 -15.20 19.52 3.21
C GLN D 155 -15.78 20.26 4.42
N THR D 156 -16.60 19.53 5.17
CA THR D 156 -17.20 20.02 6.41
C THR D 156 -17.13 18.93 7.48
N ALA D 157 -16.44 19.25 8.59
CA ALA D 157 -16.36 18.35 9.76
C ALA D 157 -17.62 18.51 10.61
N PHE D 158 -18.13 17.37 11.12
CA PHE D 158 -19.26 17.38 12.07
C PHE D 158 -19.18 16.15 12.95
N SER D 159 -19.54 16.34 14.22
CA SER D 159 -19.69 15.20 15.11
C SER D 159 -21.13 14.91 15.48
N ASP D 160 -22.05 15.75 15.05
CA ASP D 160 -23.42 15.67 15.50
C ASP D 160 -24.26 16.16 14.33
N MET D 161 -25.52 15.84 14.48
CA MET D 161 -26.57 16.28 13.58
C MET D 161 -27.83 16.27 14.42
N LYS D 162 -28.67 17.26 14.19
CA LYS D 162 -29.96 17.37 14.87
C LYS D 162 -31.09 17.59 13.85
N SER D 163 -32.32 17.26 14.25
CA SER D 163 -33.57 17.49 13.44
C SER D 163 -34.80 17.27 14.33
#